data_5MJX
#
_entry.id   5MJX
#
_entity_poly.entity_id   1
_entity_poly.type   'polydeoxyribonucleotide'
_entity_poly.pdbx_seq_one_letter_code
;(DG)(DG)(TAF)(DT)(DG)(DG)(DT)(DG)(DT)(DG)(DG)(DT)(DT)(DG)(DG)
;
_entity_poly.pdbx_strand_id   A
#
loop_
_chem_comp.id
_chem_comp.type
_chem_comp.name
_chem_comp.formula
DG DNA linking 2'-DEOXYGUANOSINE-5'-MONOPHOSPHATE 'C10 H14 N5 O7 P'
DT DNA linking THYMIDINE-5'-MONOPHOSPHATE 'C10 H15 N2 O8 P'
TAF DNA linking '2'-DEOXY-2'-FLUORO-ARABINO-FURANOSYL THYMINE-5'-PHOSPHATE' 'C10 H14 F N2 O8 P'
#
# COMPACT_ATOMS: atom_id res chain seq x y z
P TAF A 3 3.52 0.32 2.41
OP1 TAF A 3 2.91 0.17 3.76
OP2 TAF A 3 4.71 -0.49 2.04
O5' TAF A 3 2.37 0.03 1.33
N1 TAF A 3 -1.60 1.03 0.29
C6 TAF A 3 -0.83 1.90 1.04
C2 TAF A 3 -2.97 1.20 0.19
O2 TAF A 3 -3.70 0.47 -0.47
N3 TAF A 3 -3.52 2.25 0.89
C4 TAF A 3 -2.82 3.17 1.64
O4 TAF A 3 -3.46 4.04 2.23
C5 TAF A 3 -1.38 2.97 1.66
C5M TAF A 3 -0.46 3.96 2.36
F2' TAF A 3 0.29 1.63 -1.60
C2' TAF A 3 -0.04 0.28 -1.57
C5' TAF A 3 2.07 -1.31 0.94
C4' TAF A 3 0.92 -1.36 -0.07
O4' TAF A 3 -0.25 -0.85 0.54
C1' TAF A 3 -0.98 -0.11 -0.42
C3' TAF A 3 1.21 -0.53 -1.32
O3' TAF A 3 1.53 -1.38 -2.42
H6 TAF A 3 0.24 1.72 1.10
H3 TAF A 3 -4.52 2.34 0.83
H71 TAF A 3 -1.05 4.58 3.04
H72 TAF A 3 -0.01 4.60 1.60
H73 TAF A 3 0.29 3.41 2.94
H5' TAF A 3 1.80 -1.89 1.82
H5'' TAF A 3 2.95 -1.76 0.48
H4' TAF A 3 0.72 -2.39 -0.35
H1' TAF A 3 -1.75 -0.76 -0.84
H3' TAF A 3 2.04 0.16 -1.11
H2'' TAF A 3 -0.51 0.02 -2.51
P TAF A 3 3.18 0.34 2.44
OP1 TAF A 3 2.40 0.28 3.68
OP2 TAF A 3 4.42 -0.46 2.29
O5' TAF A 3 2.20 -0.01 1.21
N1 TAF A 3 -1.64 0.82 0.04
C6 TAF A 3 -0.91 1.69 0.81
C2 TAF A 3 -3.01 1.01 -0.15
O2 TAF A 3 -3.69 0.35 -0.92
N3 TAF A 3 -3.60 2.03 0.58
C4 TAF A 3 -2.96 2.89 1.44
O4 TAF A 3 -3.65 3.66 2.11
C5 TAF A 3 -1.51 2.75 1.44
C5M TAF A 3 -0.63 3.83 2.03
F2' TAF A 3 0.24 1.61 -1.78
C2' TAF A 3 0.00 0.24 -1.83
C5' TAF A 3 2.07 -1.33 0.71
C4' TAF A 3 1.00 -1.43 -0.39
O4' TAF A 3 -0.27 -1.10 0.15
C1' TAF A 3 -0.97 -0.26 -0.74
C3' TAF A 3 1.30 -0.51 -1.57
O3' TAF A 3 1.74 -1.24 -2.73
H6 TAF A 3 0.16 1.55 0.88
H3 TAF A 3 -4.58 2.18 0.41
H71 TAF A 3 -0.93 4.02 3.06
H72 TAF A 3 -0.77 4.74 1.42
H73 TAF A 3 0.42 3.55 2.01
H5' TAF A 3 3.03 -1.65 0.30
H5'' TAF A 3 1.78 -1.99 1.53
H4' TAF A 3 0.97 -2.46 -0.75
H1' TAF A 3 -1.73 -0.87 -1.25
H3' TAF A 3 2.07 0.21 -1.29
H2'' TAF A 3 -0.43 -0.02 -2.81
P TAF A 3 3.22 0.27 2.35
OP1 TAF A 3 2.46 0.18 3.62
OP2 TAF A 3 4.42 -0.56 2.16
O5' TAF A 3 2.19 -0.05 1.16
N1 TAF A 3 -1.64 0.81 0.03
C6 TAF A 3 -0.89 1.72 0.73
C2 TAF A 3 -3.03 0.97 -0.11
O2 TAF A 3 -3.72 0.27 -0.83
N3 TAF A 3 -3.60 2.01 0.59
C4 TAF A 3 -2.92 2.96 1.31
O4 TAF A 3 -3.57 3.85 1.85
C5 TAF A 3 -1.47 2.80 1.31
C5M TAF A 3 -0.60 3.93 1.81
F2' TAF A 3 0.17 1.59 -1.87
C2' TAF A 3 -0.05 0.22 -1.86
C5' TAF A 3 2.07 -1.37 0.63
C4' TAF A 3 0.98 -1.44 -0.45
O4' TAF A 3 -0.27 -1.10 0.13
C1' TAF A 3 -1.00 -0.28 -0.75
C3' TAF A 3 1.27 -0.49 -1.61
O3' TAF A 3 1.72 -1.21 -2.75
H6 TAF A 3 0.19 1.62 0.75
H3 TAF A 3 -4.59 2.12 0.49
H71 TAF A 3 -0.42 3.84 2.87
H72 TAF A 3 -1.09 4.88 1.57
H73 TAF A 3 0.33 3.96 1.24
H5' TAF A 3 3.02 -1.67 0.19
H5'' TAF A 3 1.81 -2.05 1.44
H4' TAF A 3 0.92 -2.46 -0.82
H1' TAF A 3 -1.76 -0.89 -1.24
H3' TAF A 3 2.01 0.24 -1.30
H2'' TAF A 3 -0.47 -0.07 -2.83
P TAF A 3 2.84 0.03 2.03
OP1 TAF A 3 2.03 0.18 3.26
OP2 TAF A 3 3.98 -0.90 2.01
O5' TAF A 3 1.85 -0.30 0.81
N1 TAF A 3 -2.38 -0.02 -1.24
C6 TAF A 3 -2.31 1.08 -0.41
C2 TAF A 3 -3.60 -0.42 -1.80
O2 TAF A 3 -3.73 -1.37 -2.56
N3 TAF A 3 -4.71 0.33 -1.47
C4 TAF A 3 -4.71 1.45 -0.68
O4 TAF A 3 -5.78 2.03 -0.49
C5 TAF A 3 -3.41 1.82 -0.12
C5M TAF A 3 -3.28 3.07 0.73
F2' TAF A 3 0.03 1.34 -2.02
C2' TAF A 3 -0.13 0.03 -2.44
C5' TAF A 3 1.83 -1.58 0.19
C4' TAF A 3 0.82 -1.66 -0.96
O4' TAF A 3 -0.47 -1.30 -0.52
C1' TAF A 3 -1.16 -0.78 -1.64
C3' TAF A 3 1.17 -0.73 -2.14
O3' TAF A 3 1.60 -1.47 -3.29
H6 TAF A 3 -1.34 1.35 -0.01
H3 TAF A 3 -5.59 0.04 -1.86
H71 TAF A 3 -3.91 2.98 1.61
H72 TAF A 3 -3.60 3.94 0.15
H73 TAF A 3 -2.24 3.23 1.04
H5' TAF A 3 2.83 -1.80 -0.20
H5'' TAF A 3 1.57 -2.32 0.93
H4' TAF A 3 0.80 -2.68 -1.33
H1' TAF A 3 -1.45 -1.62 -2.28
H3' TAF A 3 1.94 -0.02 -1.83
H2'' TAF A 3 -0.39 0.01 -3.49
P TAF A 3 3.27 -0.48 1.55
OP1 TAF A 3 2.64 -0.62 2.89
OP2 TAF A 3 4.42 -1.33 1.19
O5' TAF A 3 2.09 -0.69 0.48
N1 TAF A 3 -2.33 -0.16 -1.46
C6 TAF A 3 -2.26 0.93 -0.62
C2 TAF A 3 -3.57 -0.58 -1.99
O2 TAF A 3 -3.70 -1.52 -2.75
N3 TAF A 3 -4.67 0.15 -1.62
C4 TAF A 3 -4.67 1.26 -0.79
O4 TAF A 3 -5.75 1.81 -0.56
C5 TAF A 3 -3.37 1.64 -0.28
C5M TAF A 3 -3.23 2.89 0.58
F2' TAF A 3 0.08 1.16 -2.28
C2' TAF A 3 -0.08 -0.15 -2.69
C5' TAF A 3 1.90 -1.95 -0.17
C4' TAF A 3 0.84 -1.88 -1.28
O4' TAF A 3 -0.41 -1.44 -0.76
C1' TAF A 3 -1.12 -0.93 -1.87
C3' TAF A 3 1.21 -0.91 -2.41
O3' TAF A 3 1.72 -1.59 -3.56
H6 TAF A 3 -1.28 1.23 -0.24
H3 TAF A 3 -5.56 -0.13 -2.01
H71 TAF A 3 -3.80 3.70 0.12
H72 TAF A 3 -2.19 3.21 0.64
H73 TAF A 3 -3.61 2.69 1.58
H5' TAF A 3 2.84 -2.28 -0.62
H5'' TAF A 3 1.59 -2.69 0.57
H4' TAF A 3 0.70 -2.87 -1.70
H1' TAF A 3 -1.43 -1.78 -2.49
H3' TAF A 3 1.96 -0.20 -2.04
H2'' TAF A 3 -0.36 -0.18 -3.75
P TAF A 3 3.90 -0.35 1.90
OP1 TAF A 3 3.20 -0.57 3.18
OP2 TAF A 3 5.19 -1.01 1.64
O5' TAF A 3 2.88 -0.69 0.71
N1 TAF A 3 -1.57 -0.83 -1.15
C6 TAF A 3 -1.59 0.26 -0.30
C2 TAF A 3 -2.75 -1.36 -1.69
O2 TAF A 3 -2.78 -2.30 -2.46
N3 TAF A 3 -3.92 -0.75 -1.32
C4 TAF A 3 -4.04 0.35 -0.48
O4 TAF A 3 -5.16 0.80 -0.26
C5 TAF A 3 -2.77 0.86 0.04
C5M TAF A 3 -2.78 2.09 0.94
F2' TAF A 3 0.53 0.78 -2.18
C2' TAF A 3 0.61 -0.57 -2.47
C5' TAF A 3 2.88 -1.97 0.10
C4' TAF A 3 1.83 -2.06 -1.02
O4' TAF A 3 0.53 -1.83 -0.49
C1' TAF A 3 -0.28 -1.45 -1.59
C3' TAF A 3 2.04 -1.02 -2.13
O3' TAF A 3 2.72 -1.55 -3.27
H6 TAF A 3 -0.66 0.64 0.08
H3 TAF A 3 -4.77 -1.11 -1.70
H71 TAF A 3 -3.25 2.91 0.41
H72 TAF A 3 -1.77 2.38 1.22
H73 TAF A 3 -3.37 1.86 1.84
H5' TAF A 3 3.86 -2.16 -0.35
H5'' TAF A 3 2.66 -2.74 0.84
H4' TAF A 3 1.85 -3.06 -1.46
H1' TAF A 3 -0.49 -2.35 -2.17
H3' TAF A 3 2.59 -0.18 -1.72
H2'' TAF A 3 0.37 -0.74 -3.51
P TAF A 3 4.25 0.64 2.96
OP1 TAF A 3 3.48 0.63 4.23
OP2 TAF A 3 5.60 0.06 2.91
O5' TAF A 3 3.33 -0.02 1.80
N1 TAF A 3 -0.76 -0.93 -0.27
C6 TAF A 3 -0.90 0.18 0.54
C2 TAF A 3 -1.89 -1.53 -0.86
O2 TAF A 3 -1.83 -2.47 -1.63
N3 TAF A 3 -3.12 -0.99 -0.53
C4 TAF A 3 -3.33 0.12 0.26
O4 TAF A 3 -4.48 0.51 0.42
C5 TAF A 3 -2.12 0.72 0.82
C5M TAF A 3 -2.23 1.98 1.66
F2' TAF A 3 1.07 0.81 -1.41
C2' TAF A 3 1.38 -0.53 -1.56
C5' TAF A 3 3.65 -1.29 1.26
C4' TAF A 3 2.73 -1.69 0.09
O4' TAF A 3 1.37 -1.69 0.50
C1' TAF A 3 0.57 -1.46 -0.64
C3' TAF A 3 2.82 -0.73 -1.11
O3' TAF A 3 3.64 -1.21 -2.19
H6 TAF A 3 0.00 0.64 0.94
H3 TAF A 3 -3.93 -1.42 -0.94
H71 TAF A 3 -1.24 2.32 1.98
H72 TAF A 3 -2.84 1.76 2.54
H73 TAF A 3 -2.71 2.76 1.08
H5' TAF A 3 4.68 -1.30 0.89
H5'' TAF A 3 3.56 -2.06 2.03
H4' TAF A 3 2.98 -2.69 -0.25
H1' TAF A 3 0.46 -2.41 -1.17
H3' TAF A 3 3.21 0.22 -0.73
H2'' TAF A 3 1.23 -0.83 -2.59
P TAF A 3 4.71 0.03 2.42
OP1 TAF A 3 4.26 -0.26 3.79
OP2 TAF A 3 6.00 -0.48 1.93
O5' TAF A 3 3.57 -0.42 1.37
N1 TAF A 3 -1.02 -0.75 -0.08
C6 TAF A 3 -0.97 0.39 0.71
C2 TAF A 3 -2.24 -1.30 -0.47
O2 TAF A 3 -2.34 -2.31 -1.16
N3 TAF A 3 -3.38 -0.64 -0.05
C4 TAF A 3 -3.42 0.51 0.69
O4 TAF A 3 -4.51 1.00 0.97
C5 TAF A 3 -2.11 1.03 1.09
C5M TAF A 3 -2.03 2.32 1.89
F2' TAF A 3 0.89 0.75 -1.46
C2' TAF A 3 1.01 -0.61 -1.61
C5' TAF A 3 3.51 -1.75 0.88
C4' TAF A 3 2.37 -1.94 -0.13
O4' TAF A 3 1.11 -1.70 0.49
C1' TAF A 3 0.22 -1.41 -0.57
C3' TAF A 3 2.46 -0.98 -1.32
O3' TAF A 3 3.09 -1.58 -2.46
H6 TAF A 3 0.00 0.78 0.99
H3 TAF A 3 -4.25 -1.04 -0.33
H71 TAF A 3 -2.51 3.13 1.32
H72 TAF A 3 -1.00 2.60 2.10
H73 TAF A 3 -2.58 2.19 2.83
H5' TAF A 3 4.45 -1.98 0.37
H5'' TAF A 3 3.37 -2.44 1.71
H4' TAF A 3 2.38 -2.97 -0.49
H1' TAF A 3 -0.05 -2.36 -1.04
H3' TAF A 3 3.00 -0.09 -1.01
H2'' TAF A 3 0.70 -0.91 -2.62
P TAF A 3 4.61 -0.22 2.17
OP1 TAF A 3 4.21 -0.61 3.54
OP2 TAF A 3 5.90 -0.66 1.61
O5' TAF A 3 3.44 -0.67 1.15
N1 TAF A 3 -1.13 -0.89 -0.20
C6 TAF A 3 -0.99 0.20 0.65
C2 TAF A 3 -2.40 -1.28 -0.65
O2 TAF A 3 -2.58 -2.23 -1.40
N3 TAF A 3 -3.46 -0.53 -0.23
C4 TAF A 3 -3.41 0.59 0.57
O4 TAF A 3 -4.45 1.19 0.82
C5 TAF A 3 -2.07 0.93 1.04
C5M TAF A 3 -1.89 2.16 1.92
F2' TAF A 3 0.60 0.48 -1.82
C2' TAF A 3 0.82 -0.87 -1.82
C5' TAF A 3 3.39 -1.99 0.64
C4' TAF A 3 2.22 -2.15 -0.35
O4' TAF A 3 0.97 -1.93 0.29
C1' TAF A 3 0.05 -1.62 -0.73
C3' TAF A 3 2.29 -1.14 -1.50
O3' TAF A 3 3.02 -1.60 -2.63
H6 TAF A 3 0.01 0.46 0.99
H3 TAF A 3 -4.37 -0.82 -0.56
H71 TAF A 3 -2.18 3.06 1.37
H72 TAF A 3 -0.85 2.26 2.24
H73 TAF A 3 -2.53 2.07 2.80
H5' TAF A 3 4.31 -2.21 0.13
H5'' TAF A 3 3.26 -2.70 1.46
H4' TAF A 3 2.24 -3.16 -0.76
H1' TAF A 3 -0.28 -2.57 -1.18
H3' TAF A 3 2.74 -0.23 -1.10
H2'' TAF A 3 0.55 -1.29 -2.79
P TAF A 3 4.98 0.14 2.22
OP1 TAF A 3 4.54 -0.31 3.55
OP2 TAF A 3 6.33 -0.24 1.72
O5' TAF A 3 3.91 -0.37 1.15
N1 TAF A 3 -0.55 -0.95 -0.57
C6 TAF A 3 -0.60 0.15 0.27
C2 TAF A 3 -1.71 -1.49 -1.12
O2 TAF A 3 -1.72 -2.45 -1.88
N3 TAF A 3 -2.90 -0.88 -0.77
C4 TAF A 3 -3.03 0.24 0.01
O4 TAF A 3 -4.15 0.73 0.18
C5 TAF A 3 -1.78 0.76 0.56
C5M TAF A 3 -1.80 2.02 1.41
F2' TAF A 3 1.34 0.72 -1.78
C2' TAF A 3 1.56 -0.62 -1.97
C5' TAF A 3 3.97 -1.68 0.62
C4' TAF A 3 2.91 -1.91 -0.46
O4' TAF A 3 1.61 -1.79 0.08
C1' TAF A 3 0.76 -1.52 -1.02
C3' TAF A 3 3.02 -0.90 -1.60
O3' TAF A 3 3.79 -1.41 -2.69
H6 TAF A 3 0.34 0.54 0.66
H3 TAF A 3 -3.75 -1.26 -1.16
H71 TAF A 3 -0.79 2.32 1.70
H72 TAF A 3 -2.40 1.87 2.30
H73 TAF A 3 -2.24 2.84 0.82
H5' TAF A 3 4.96 -1.84 0.16
H5'' TAF A 3 3.83 -2.41 1.43
H4' TAF A 3 3.03 -2.92 -0.86
H1' TAF A 3 0.57 -2.46 -1.56
H3' TAF A 3 3.47 0.01 -1.21
H2'' TAF A 3 1.35 -0.90 -3.00
#